data_5HSG
#
_entry.id   5HSG
#
_cell.length_a   39.548
_cell.length_b   48.800
_cell.length_c   157.115
_cell.angle_alpha   90.000
_cell.angle_beta   90.000
_cell.angle_gamma   90.000
#
_symmetry.space_group_name_H-M   'P 21 21 21'
#
loop_
_entity.id
_entity.type
_entity.pdbx_description
1 polymer 'Putative ABC transporter, nucleotide binding/ATPase protein'
2 non-polymer 'MAGNESIUM ION'
3 water water
#
_entity_poly.entity_id   1
_entity_poly.type   'polypeptide(L)'
_entity_poly.pdbx_seq_one_letter_code
;(MSE)HHHHHHSSGVDLGTENLYFQS(MSE)AGPTYALVQINQQALFFNL(MSE)NKGAQDAAKASGKDLVIFNSNDNPV
AQNDAIENYIQQGVKGILVAAIDVNGI(MSE)PAVKEAAAANIPVIAIDAVLPAGPQAAQVGVDNIEGGRIIGQYFVDYV
QKE(MSE)GGQARLGIVGALNSAIQNQRQKGFEETLKSNPKITIANVVDGQNVQDKA(MSE)TAAENLITGNPDLTAIYA
TGEPALLGAIAAVENQGRQKDIKVFGWDLTAKAISGIDGGYVTAVLQQDPEK(MSE)GAEALNALNSITSGKTVPKTILV
PATVVTKANVDSYRPLFK
;
_entity_poly.pdbx_strand_id   A
#
loop_
_chem_comp.id
_chem_comp.type
_chem_comp.name
_chem_comp.formula
MG non-polymer 'MAGNESIUM ION' 'Mg 2'
#
# COMPACT_ATOMS: atom_id res chain seq x y z
N GLY A 25 28.86 12.44 -13.18
CA GLY A 25 27.45 12.13 -13.25
C GLY A 25 26.88 11.72 -11.92
N PRO A 26 25.59 11.34 -11.88
CA PRO A 26 24.98 10.95 -10.61
C PRO A 26 25.49 9.60 -10.11
N THR A 27 25.47 9.43 -8.81
CA THR A 27 25.88 8.18 -8.20
C THR A 27 24.76 7.16 -8.23
N TYR A 28 23.55 7.57 -7.88
CA TYR A 28 22.41 6.68 -7.93
C TYR A 28 21.32 7.36 -8.73
N ALA A 29 20.42 6.54 -9.29
CA ALA A 29 19.22 7.01 -9.97
C ALA A 29 18.00 6.27 -9.47
N LEU A 30 16.91 6.98 -9.24
CA LEU A 30 15.62 6.36 -8.93
C LEU A 30 14.69 6.64 -10.10
N VAL A 31 14.20 5.57 -10.73
CA VAL A 31 13.25 5.63 -11.85
C VAL A 31 11.85 5.46 -11.24
N GLN A 32 11.08 6.56 -11.27
CA GLN A 32 9.83 6.72 -10.54
C GLN A 32 8.64 6.70 -11.49
N ILE A 33 7.49 6.32 -10.93
CA ILE A 33 6.25 6.22 -11.70
C ILE A 33 5.68 7.60 -12.06
N ASN A 34 5.30 8.37 -11.05
CA ASN A 34 4.85 9.74 -11.26
C ASN A 34 5.09 10.55 -9.98
N GLN A 35 4.83 11.85 -10.04
CA GLN A 35 4.90 12.73 -8.89
C GLN A 35 3.56 13.38 -8.59
N GLN A 36 2.49 12.75 -9.06
N GLN A 36 2.48 12.75 -9.05
CA GLN A 36 1.15 13.18 -8.71
CA GLN A 36 1.14 13.18 -8.70
C GLN A 36 0.74 12.55 -7.37
C GLN A 36 0.63 12.52 -7.43
N ALA A 37 0.89 11.22 -7.26
CA ALA A 37 0.47 10.50 -6.07
C ALA A 37 1.37 10.74 -4.88
N LEU A 38 0.76 11.03 -3.75
CA LEU A 38 1.48 11.19 -2.50
C LEU A 38 2.44 10.03 -2.24
N PHE A 39 2.00 8.82 -2.47
CA PHE A 39 2.83 7.64 -2.22
C PHE A 39 4.20 7.76 -2.90
N PHE A 40 4.22 8.17 -4.16
CA PHE A 40 5.49 8.27 -4.86
C PHE A 40 6.31 9.47 -4.39
N ASN A 41 5.66 10.58 -4.08
CA ASN A 41 6.38 11.72 -3.54
C ASN A 41 7.01 11.39 -2.19
N LEU A 42 6.34 10.60 -1.36
CA LEU A 42 6.93 10.20 -0.08
C LEU A 42 8.10 9.24 -0.30
N MSE A 43 7.97 8.32 -1.25
CA MSE A 43 9.09 7.44 -1.57
C MSE A 43 10.30 8.25 -2.03
O MSE A 43 11.44 7.99 -1.60
CB MSE A 43 8.66 6.48 -2.67
CG MSE A 43 9.71 5.40 -2.96
SE MSE A 43 9.41 4.38 -4.56
CE MSE A 43 7.63 3.77 -4.16
H MSE A 43 7.26 8.18 -1.70
HA MSE A 43 9.32 6.93 -0.79
HB2 MSE A 43 7.84 6.04 -2.39
HB3 MSE A 43 8.51 6.98 -3.48
HG2 MSE A 43 10.57 5.83 -3.05
HG3 MSE A 43 9.72 4.78 -2.22
HE1 MSE A 43 7.32 3.21 -4.89
HE2 MSE A 43 7.66 3.25 -3.34
HE3 MSE A 43 7.06 4.53 -4.05
N ASN A 44 10.08 9.23 -2.90
CA ASN A 44 11.14 10.12 -3.32
C ASN A 44 11.81 10.79 -2.14
N LYS A 45 11.00 11.33 -1.24
CA LYS A 45 11.54 12.01 -0.06
C LYS A 45 12.41 11.06 0.77
N GLY A 46 11.93 9.84 1.00
CA GLY A 46 12.71 8.90 1.79
C GLY A 46 14.06 8.57 1.18
N ALA A 47 14.05 8.32 -0.12
CA ALA A 47 15.28 8.00 -0.84
C ALA A 47 16.24 9.20 -0.85
N GLN A 48 15.72 10.37 -1.17
CA GLN A 48 16.57 11.55 -1.23
C GLN A 48 17.11 11.95 0.15
N ASP A 49 16.28 11.88 1.19
CA ASP A 49 16.79 12.15 2.53
C ASP A 49 17.93 11.19 2.86
N ALA A 50 17.76 9.91 2.54
CA ALA A 50 18.78 8.93 2.86
C ALA A 50 20.03 9.15 2.05
N ALA A 51 19.89 9.59 0.81
CA ALA A 51 21.06 9.92 -0.01
C ALA A 51 21.79 11.12 0.57
N LYS A 52 21.07 12.20 0.85
CA LYS A 52 21.70 13.39 1.40
C LYS A 52 22.37 13.08 2.74
N ALA A 53 21.72 12.27 3.58
CA ALA A 53 22.25 11.94 4.91
C ALA A 53 23.47 11.01 4.85
N SER A 54 23.73 10.40 3.69
CA SER A 54 24.89 9.55 3.51
C SER A 54 25.89 10.13 2.53
N GLY A 55 25.71 11.38 2.11
CA GLY A 55 26.66 12.03 1.22
C GLY A 55 26.67 11.52 -0.19
N LYS A 56 25.54 10.97 -0.65
CA LYS A 56 25.43 10.43 -1.99
C LYS A 56 24.56 11.28 -2.91
N ASP A 57 24.89 11.32 -4.20
CA ASP A 57 24.15 12.07 -5.19
C ASP A 57 23.12 11.16 -5.87
N LEU A 58 21.85 11.39 -5.58
CA LEU A 58 20.74 10.66 -6.15
C LEU A 58 19.99 11.59 -7.07
N VAL A 59 19.76 11.15 -8.30
N VAL A 59 19.77 11.15 -8.30
CA VAL A 59 18.83 11.82 -9.21
CA VAL A 59 18.85 11.81 -9.22
C VAL A 59 17.59 10.98 -9.32
C VAL A 59 17.58 10.98 -9.27
N ILE A 60 16.45 11.65 -9.43
CA ILE A 60 15.16 11.00 -9.54
C ILE A 60 14.54 11.35 -10.89
N PHE A 61 14.20 10.31 -11.65
CA PHE A 61 13.55 10.41 -12.95
C PHE A 61 12.06 10.18 -12.81
N ASN A 62 11.28 11.23 -13.03
CA ASN A 62 9.83 11.11 -13.06
C ASN A 62 9.41 10.65 -14.44
N SER A 63 8.95 9.42 -14.56
CA SER A 63 8.56 8.89 -15.87
C SER A 63 7.17 9.34 -16.31
N ASN A 64 6.44 10.02 -15.45
CA ASN A 64 5.09 10.50 -15.79
C ASN A 64 4.22 9.39 -16.38
N ASP A 65 4.18 8.26 -15.69
CA ASP A 65 3.31 7.13 -16.05
C ASP A 65 3.65 6.50 -17.40
N ASN A 66 4.89 6.64 -17.86
CA ASN A 66 5.31 6.13 -19.16
C ASN A 66 6.28 4.96 -19.00
N PRO A 67 5.83 3.72 -19.21
CA PRO A 67 6.72 2.57 -19.00
C PRO A 67 7.89 2.52 -19.99
N VAL A 68 7.69 3.03 -21.20
CA VAL A 68 8.76 3.04 -22.19
C VAL A 68 9.87 3.98 -21.72
N ALA A 69 9.48 5.11 -21.16
CA ALA A 69 10.46 6.06 -20.64
C ALA A 69 11.21 5.46 -19.46
N GLN A 70 10.56 4.62 -18.67
CA GLN A 70 11.28 3.94 -17.58
C GLN A 70 12.40 3.06 -18.13
N ASN A 71 12.12 2.32 -19.18
CA ASN A 71 13.13 1.45 -19.79
C ASN A 71 14.28 2.29 -20.33
N ASP A 72 13.93 3.33 -21.07
CA ASP A 72 14.93 4.20 -21.66
C ASP A 72 15.77 4.94 -20.62
N ALA A 73 15.16 5.38 -19.52
CA ALA A 73 15.90 6.03 -18.48
C ALA A 73 16.90 5.08 -17.85
N ILE A 74 16.50 3.84 -17.63
CA ILE A 74 17.46 2.86 -17.11
C ILE A 74 18.65 2.70 -18.06
N GLU A 75 18.38 2.59 -19.34
CA GLU A 75 19.46 2.51 -20.32
C GLU A 75 20.38 3.72 -20.29
N ASN A 76 19.78 4.89 -20.14
CA ASN A 76 20.52 6.15 -20.04
C ASN A 76 21.45 6.14 -18.82
N TYR A 77 20.92 5.76 -17.67
CA TYR A 77 21.73 5.74 -16.46
C TYR A 77 22.83 4.67 -16.54
N ILE A 78 22.57 3.54 -17.19
CA ILE A 78 23.63 2.57 -17.41
C ILE A 78 24.77 3.22 -18.23
N GLN A 79 24.40 3.92 -19.30
CA GLN A 79 25.41 4.55 -20.15
C GLN A 79 26.20 5.59 -19.38
N GLN A 80 25.54 6.28 -18.47
CA GLN A 80 26.21 7.27 -17.63
C GLN A 80 27.09 6.66 -16.52
N GLY A 81 27.06 5.35 -16.36
CA GLY A 81 27.89 4.71 -15.36
C GLY A 81 27.44 4.95 -13.93
N VAL A 82 26.14 5.08 -13.69
CA VAL A 82 25.66 5.18 -12.32
C VAL A 82 26.05 3.96 -11.50
N LYS A 83 26.16 4.13 -10.19
CA LYS A 83 26.61 3.07 -9.29
C LYS A 83 25.50 2.20 -8.75
N GLY A 84 24.25 2.61 -8.92
CA GLY A 84 23.11 1.85 -8.44
C GLY A 84 21.84 2.49 -8.95
N ILE A 85 20.84 1.64 -9.16
CA ILE A 85 19.54 2.06 -9.68
C ILE A 85 18.42 1.54 -8.78
N LEU A 86 17.51 2.44 -8.43
CA LEU A 86 16.25 2.09 -7.79
C LEU A 86 15.15 2.22 -8.82
N VAL A 87 14.18 1.32 -8.80
CA VAL A 87 13.05 1.42 -9.72
C VAL A 87 11.74 1.03 -9.07
N ALA A 88 10.74 1.85 -9.29
CA ALA A 88 9.35 1.50 -9.01
C ALA A 88 8.71 1.31 -10.37
N ALA A 89 8.59 0.04 -10.77
CA ALA A 89 8.17 -0.29 -12.13
C ALA A 89 6.66 -0.16 -12.36
N ILE A 90 6.29 0.45 -13.47
CA ILE A 90 4.90 0.49 -13.95
C ILE A 90 4.51 -0.89 -14.48
N ASP A 91 5.40 -1.46 -15.28
CA ASP A 91 5.16 -2.73 -15.94
C ASP A 91 6.24 -3.70 -15.46
N VAL A 92 5.91 -4.54 -14.50
CA VAL A 92 6.92 -5.38 -13.88
C VAL A 92 7.53 -6.39 -14.86
N ASN A 93 6.80 -6.75 -15.92
CA ASN A 93 7.34 -7.65 -16.92
C ASN A 93 8.16 -6.90 -17.97
N GLY A 94 7.60 -5.78 -18.44
CA GLY A 94 8.21 -4.97 -19.47
C GLY A 94 9.52 -4.31 -19.08
N ILE A 95 9.74 -4.11 -17.79
CA ILE A 95 10.97 -3.47 -17.31
C ILE A 95 12.15 -4.46 -17.26
N MSE A 96 11.88 -5.75 -17.35
CA MSE A 96 12.93 -6.72 -17.10
C MSE A 96 14.11 -6.66 -18.06
O MSE A 96 15.24 -6.86 -17.64
CB MSE A 96 12.37 -8.13 -17.00
CG MSE A 96 11.45 -8.35 -15.79
SE MSE A 96 12.19 -7.76 -14.09
CE MSE A 96 13.68 -9.01 -13.90
H MSE A 96 11.11 -6.09 -17.56
HA MSE A 96 13.29 -6.51 -16.21
HB2 MSE A 96 11.86 -8.32 -17.80
HB3 MSE A 96 13.11 -8.76 -16.93
HG2 MSE A 96 10.63 -7.87 -15.93
HG3 MSE A 96 11.26 -9.30 -15.71
HE1 MSE A 96 14.14 -8.83 -13.07
HE2 MSE A 96 13.33 -9.92 -13.88
HE3 MSE A 96 14.28 -8.90 -14.65
N PRO A 97 13.87 -6.42 -19.36
CA PRO A 97 15.06 -6.33 -20.22
C PRO A 97 16.04 -5.25 -19.76
N ALA A 98 15.50 -4.13 -19.30
CA ALA A 98 16.35 -3.05 -18.85
C ALA A 98 17.03 -3.41 -17.51
N VAL A 99 16.30 -4.08 -16.62
CA VAL A 99 16.90 -4.57 -15.39
C VAL A 99 18.05 -5.54 -15.69
N LYS A 100 17.85 -6.41 -16.66
CA LYS A 100 18.89 -7.34 -17.05
C LYS A 100 20.08 -6.64 -17.69
N GLU A 101 19.84 -5.57 -18.44
CA GLU A 101 20.92 -4.76 -18.98
C GLU A 101 21.75 -4.14 -17.86
N ALA A 102 21.09 -3.67 -16.81
CA ALA A 102 21.82 -3.10 -15.69
C ALA A 102 22.73 -4.17 -15.05
N ALA A 103 22.18 -5.38 -14.87
CA ALA A 103 22.98 -6.51 -14.35
C ALA A 103 24.17 -6.84 -15.23
N ALA A 104 23.99 -6.81 -16.55
CA ALA A 104 25.07 -7.10 -17.46
C ALA A 104 26.15 -6.05 -17.39
N ALA A 105 25.80 -4.87 -16.89
CA ALA A 105 26.74 -3.78 -16.69
C ALA A 105 27.30 -3.77 -15.26
N ASN A 106 26.91 -4.75 -14.45
CA ASN A 106 27.36 -4.85 -13.04
C ASN A 106 26.93 -3.64 -12.22
N ILE A 107 25.71 -3.15 -12.48
CA ILE A 107 25.10 -2.06 -11.72
C ILE A 107 23.96 -2.64 -10.91
N PRO A 108 24.04 -2.59 -9.58
CA PRO A 108 22.97 -3.16 -8.75
C PRO A 108 21.65 -2.43 -8.95
N VAL A 109 20.57 -3.21 -8.98
CA VAL A 109 19.23 -2.69 -9.08
C VAL A 109 18.39 -3.13 -7.89
N ILE A 110 17.67 -2.19 -7.28
CA ILE A 110 16.70 -2.54 -6.24
C ILE A 110 15.34 -2.08 -6.68
N ALA A 111 14.39 -3.01 -6.68
CA ALA A 111 13.02 -2.69 -6.98
C ALA A 111 12.24 -2.28 -5.74
N ILE A 112 11.31 -1.36 -5.90
CA ILE A 112 10.51 -0.84 -4.78
C ILE A 112 9.04 -0.88 -5.19
N ASP A 113 8.19 -1.28 -4.26
CA ASP A 113 6.72 -1.26 -4.40
C ASP A 113 6.25 -2.42 -5.29
N ALA A 114 6.14 -2.22 -6.60
CA ALA A 114 5.71 -3.32 -7.46
C ALA A 114 6.77 -4.44 -7.46
N VAL A 115 6.32 -5.69 -7.32
CA VAL A 115 7.20 -6.84 -7.22
C VAL A 115 7.58 -7.36 -8.60
N LEU A 116 8.88 -7.32 -8.90
CA LEU A 116 9.37 -7.82 -10.16
C LEU A 116 9.38 -9.36 -10.13
N PRO A 117 9.19 -9.97 -11.30
CA PRO A 117 9.40 -11.42 -11.37
C PRO A 117 10.87 -11.76 -11.13
N ALA A 118 11.17 -13.03 -10.95
CA ALA A 118 12.54 -13.44 -10.63
C ALA A 118 13.53 -12.91 -11.67
N GLY A 119 14.65 -12.42 -11.19
CA GLY A 119 15.66 -11.80 -12.03
C GLY A 119 16.85 -11.40 -11.22
N PRO A 120 17.77 -10.65 -11.82
CA PRO A 120 19.06 -10.31 -11.21
C PRO A 120 19.05 -9.10 -10.29
N GLN A 121 17.88 -8.50 -10.07
CA GLN A 121 17.78 -7.40 -9.12
C GLN A 121 18.34 -7.86 -7.77
N ALA A 122 19.06 -6.97 -7.10
CA ALA A 122 19.72 -7.31 -5.84
C ALA A 122 18.74 -7.49 -4.70
N ALA A 123 17.64 -6.75 -4.73
CA ALA A 123 16.66 -6.78 -3.66
C ALA A 123 15.34 -6.22 -4.14
N GLN A 124 14.29 -6.59 -3.42
CA GLN A 124 12.95 -6.08 -3.60
C GLN A 124 12.48 -5.49 -2.27
N VAL A 125 12.06 -4.23 -2.30
CA VAL A 125 11.53 -3.52 -1.13
C VAL A 125 10.05 -3.37 -1.35
N GLY A 126 9.24 -3.66 -0.34
CA GLY A 126 7.81 -3.54 -0.51
C GLY A 126 7.06 -3.92 0.74
N VAL A 127 5.79 -4.27 0.56
N VAL A 127 5.77 -4.19 0.57
CA VAL A 127 4.88 -4.54 1.67
CA VAL A 127 4.90 -4.50 1.71
C VAL A 127 4.25 -5.89 1.56
C VAL A 127 4.42 -5.92 1.56
N ASP A 128 4.11 -6.55 2.70
CA ASP A 128 3.49 -7.86 2.75
C ASP A 128 1.98 -7.63 2.92
N ASN A 129 1.25 -7.79 1.82
CA ASN A 129 -0.17 -7.48 1.84
C ASN A 129 -1.00 -8.42 2.71
N ILE A 130 -0.68 -9.69 2.74
N ILE A 130 -0.68 -9.70 2.71
CA ILE A 130 -1.44 -10.61 3.58
CA ILE A 130 -1.36 -10.64 3.57
C ILE A 130 -1.17 -10.32 5.06
C ILE A 130 -1.18 -10.21 5.02
N GLU A 131 0.08 -9.98 5.40
CA GLU A 131 0.41 -9.59 6.76
C GLU A 131 -0.26 -8.26 7.13
N GLY A 132 -0.37 -7.33 6.18
CA GLY A 132 -1.09 -6.09 6.47
C GLY A 132 -2.54 -6.38 6.79
N GLY A 133 -3.17 -7.29 6.03
CA GLY A 133 -4.53 -7.72 6.34
C GLY A 133 -4.61 -8.29 7.74
N ARG A 134 -3.62 -9.09 8.12
CA ARG A 134 -3.57 -9.65 9.47
C ARG A 134 -3.47 -8.56 10.54
N ILE A 135 -2.62 -7.56 10.32
CA ILE A 135 -2.45 -6.53 11.32
C ILE A 135 -3.73 -5.71 11.58
N ILE A 136 -4.40 -5.28 10.52
CA ILE A 136 -5.65 -4.55 10.73
C ILE A 136 -6.76 -5.50 11.23
N GLY A 137 -6.70 -6.77 10.83
CA GLY A 137 -7.59 -7.78 11.40
C GLY A 137 -7.42 -7.96 12.90
N GLN A 138 -6.18 -8.00 13.38
CA GLN A 138 -5.94 -8.15 14.80
C GLN A 138 -6.44 -6.93 15.56
N TYR A 139 -6.27 -5.76 14.96
CA TYR A 139 -6.83 -4.57 15.56
C TYR A 139 -8.36 -4.68 15.63
N PHE A 140 -8.97 -5.10 14.52
CA PHE A 140 -10.41 -5.29 14.47
C PHE A 140 -10.91 -6.26 15.55
N VAL A 141 -10.25 -7.40 15.71
CA VAL A 141 -10.65 -8.35 16.73
C VAL A 141 -10.62 -7.70 18.14
N ASP A 142 -9.56 -6.98 18.46
CA ASP A 142 -9.51 -6.32 19.76
C ASP A 142 -10.60 -5.26 19.90
N TYR A 143 -10.86 -4.55 18.80
CA TYR A 143 -11.88 -3.51 18.81
C TYR A 143 -13.26 -4.13 19.07
N VAL A 144 -13.55 -5.25 18.40
CA VAL A 144 -14.82 -5.94 18.62
C VAL A 144 -14.97 -6.31 20.10
N GLN A 145 -13.90 -6.82 20.69
CA GLN A 145 -13.96 -7.25 22.06
C GLN A 145 -14.19 -6.08 23.02
N LYS A 146 -13.50 -4.98 22.75
CA LYS A 146 -13.53 -3.84 23.69
C LYS A 146 -14.74 -2.94 23.48
N GLU A 147 -15.08 -2.69 22.23
CA GLU A 147 -16.04 -1.64 21.89
C GLU A 147 -17.34 -2.12 21.26
N MSE A 148 -17.41 -3.38 20.85
CA MSE A 148 -18.59 -3.89 20.15
C MSE A 148 -19.19 -5.10 20.88
O MSE A 148 -19.92 -5.89 20.29
CB MSE A 148 -18.26 -4.24 18.69
CG MSE A 148 -17.59 -3.10 17.95
SE MSE A 148 -17.33 -3.44 16.04
CE MSE A 148 -19.12 -3.00 15.43
H MSE A 148 -16.79 -3.96 20.96
HA MSE A 148 -19.26 -3.19 20.14
HB2 MSE A 148 -17.65 -5.01 18.69
HB3 MSE A 148 -19.07 -4.47 18.22
HG2 MSE A 148 -18.13 -2.31 18.04
HG3 MSE A 148 -16.71 -2.94 18.34
HE1 MSE A 148 -19.15 -3.11 14.46
HE2 MSE A 148 -19.75 -3.59 15.86
HE3 MSE A 148 -19.31 -2.08 15.66
N GLY A 149 -18.87 -5.27 22.17
CA GLY A 149 -19.49 -6.30 22.97
C GLY A 149 -19.05 -7.72 22.65
N GLY A 150 -17.95 -7.87 21.94
CA GLY A 150 -17.43 -9.20 21.63
C GLY A 150 -18.12 -9.95 20.50
N GLN A 151 -18.98 -9.28 19.74
CA GLN A 151 -19.65 -9.91 18.60
C GLN A 151 -19.79 -8.86 17.50
N ALA A 152 -19.69 -9.29 16.25
CA ALA A 152 -19.88 -8.38 15.13
C ALA A 152 -20.36 -9.15 13.91
N ARG A 153 -21.15 -8.46 13.08
CA ARG A 153 -21.61 -8.96 11.80
C ARG A 153 -20.92 -8.10 10.74
N LEU A 154 -20.02 -8.75 10.00
CA LEU A 154 -19.08 -8.09 9.11
C LEU A 154 -19.45 -8.25 7.64
N GLY A 155 -19.38 -7.16 6.89
CA GLY A 155 -19.37 -7.21 5.44
C GLY A 155 -17.99 -6.84 4.93
N ILE A 156 -17.61 -7.42 3.79
CA ILE A 156 -16.33 -7.12 3.17
C ILE A 156 -16.59 -6.58 1.77
N VAL A 157 -15.94 -5.47 1.44
CA VAL A 157 -15.92 -4.94 0.08
C VAL A 157 -14.50 -5.12 -0.44
N GLY A 158 -14.36 -6.05 -1.39
CA GLY A 158 -13.06 -6.41 -1.95
C GLY A 158 -12.92 -5.94 -3.38
N ALA A 159 -11.93 -6.51 -4.06
CA ALA A 159 -11.71 -6.26 -5.48
C ALA A 159 -11.24 -7.57 -6.07
N LEU A 160 -12.17 -8.33 -6.66
CA LEU A 160 -11.88 -9.68 -7.14
C LEU A 160 -10.84 -9.69 -8.25
N ASN A 161 -10.70 -8.59 -8.98
CA ASN A 161 -9.74 -8.47 -10.07
C ASN A 161 -8.33 -8.10 -9.61
N SER A 162 -8.07 -8.08 -8.31
CA SER A 162 -6.80 -7.60 -7.78
C SER A 162 -6.08 -8.64 -6.95
N ALA A 163 -4.89 -9.05 -7.40
CA ALA A 163 -4.09 -10.00 -6.63
C ALA A 163 -3.81 -9.45 -5.23
N ILE A 164 -3.41 -8.20 -5.19
CA ILE A 164 -3.02 -7.55 -3.95
C ILE A 164 -4.21 -7.53 -2.98
N GLN A 165 -5.38 -7.10 -3.45
CA GLN A 165 -6.51 -6.95 -2.56
C GLN A 165 -7.09 -8.29 -2.16
N ASN A 166 -7.00 -9.29 -3.03
CA ASN A 166 -7.36 -10.62 -2.61
C ASN A 166 -6.46 -11.10 -1.44
N GLN A 167 -5.17 -10.78 -1.47
N GLN A 167 -5.17 -10.77 -1.48
CA GLN A 167 -4.28 -11.11 -0.34
CA GLN A 167 -4.28 -11.09 -0.35
C GLN A 167 -4.65 -10.34 0.94
C GLN A 167 -4.67 -10.35 0.93
N ARG A 168 -4.97 -9.06 0.78
CA ARG A 168 -5.37 -8.24 1.92
C ARG A 168 -6.62 -8.78 2.57
N GLN A 169 -7.53 -9.30 1.74
CA GLN A 169 -8.75 -9.89 2.24
C GLN A 169 -8.45 -11.18 2.99
N LYS A 170 -7.63 -12.04 2.39
CA LYS A 170 -7.29 -13.32 2.98
C LYS A 170 -6.65 -13.17 4.36
N GLY A 171 -5.71 -12.23 4.47
CA GLY A 171 -5.01 -12.05 5.73
C GLY A 171 -5.95 -11.58 6.84
N PHE A 172 -6.84 -10.64 6.52
CA PHE A 172 -7.84 -10.18 7.46
C PHE A 172 -8.73 -11.34 7.91
N GLU A 173 -9.27 -12.09 6.95
CA GLU A 173 -10.15 -13.21 7.27
C GLU A 173 -9.49 -14.25 8.20
N GLU A 174 -8.20 -14.53 7.98
CA GLU A 174 -7.47 -15.46 8.85
C GLU A 174 -7.53 -15.08 10.32
N THR A 175 -7.45 -13.79 10.61
CA THR A 175 -7.41 -13.37 12.02
C THR A 175 -8.72 -13.54 12.72
N LEU A 176 -9.80 -13.56 11.95
CA LEU A 176 -11.13 -13.54 12.56
C LEU A 176 -11.45 -14.82 13.29
N LYS A 177 -10.77 -15.93 12.97
CA LYS A 177 -11.01 -17.18 13.67
C LYS A 177 -10.77 -17.06 15.18
N SER A 178 -10.02 -16.05 15.60
N SER A 178 -10.02 -16.05 15.60
CA SER A 178 -9.75 -15.83 17.02
CA SER A 178 -9.75 -15.85 17.02
C SER A 178 -11.02 -15.51 17.79
C SER A 178 -10.99 -15.44 17.80
N ASN A 179 -12.04 -14.98 17.11
CA ASN A 179 -13.33 -14.71 17.74
C ASN A 179 -14.45 -15.23 16.86
N PRO A 180 -14.90 -16.46 17.13
CA PRO A 180 -16.00 -17.09 16.42
C PRO A 180 -17.35 -16.32 16.45
N LYS A 181 -17.48 -15.30 17.28
CA LYS A 181 -18.66 -14.44 17.27
C LYS A 181 -18.53 -13.24 16.31
N ILE A 182 -17.45 -13.21 15.52
CA ILE A 182 -17.39 -12.37 14.32
C ILE A 182 -17.83 -13.28 13.18
N THR A 183 -18.92 -12.94 12.51
CA THR A 183 -19.43 -13.74 11.40
C THR A 183 -19.68 -12.82 10.22
N ILE A 184 -19.79 -13.42 9.03
CA ILE A 184 -19.82 -12.69 7.77
C ILE A 184 -21.24 -12.56 7.30
N ALA A 185 -21.67 -11.32 7.07
CA ALA A 185 -22.96 -11.06 6.45
C ALA A 185 -22.85 -11.40 4.98
N ASN A 186 -21.91 -10.77 4.30
N ASN A 186 -21.92 -10.76 4.28
CA ASN A 186 -21.57 -11.11 2.93
CA ASN A 186 -21.66 -11.03 2.88
C ASN A 186 -20.25 -10.48 2.50
C ASN A 186 -20.37 -10.39 2.42
N VAL A 187 -19.77 -10.94 1.36
CA VAL A 187 -18.60 -10.39 0.71
C VAL A 187 -19.04 -9.91 -0.66
N VAL A 188 -18.74 -8.66 -1.00
CA VAL A 188 -19.12 -8.07 -2.28
C VAL A 188 -17.89 -7.55 -2.99
N ASP A 189 -18.01 -7.37 -4.28
CA ASP A 189 -16.91 -6.96 -5.13
C ASP A 189 -17.10 -5.50 -5.54
N GLY A 190 -16.19 -4.64 -5.09
CA GLY A 190 -16.20 -3.26 -5.55
C GLY A 190 -15.48 -3.00 -6.86
N GLN A 191 -14.85 -4.04 -7.42
CA GLN A 191 -14.19 -3.98 -8.73
C GLN A 191 -13.06 -2.95 -8.82
N ASN A 192 -12.58 -2.50 -7.67
CA ASN A 192 -11.56 -1.46 -7.58
C ASN A 192 -11.96 -0.16 -8.24
N VAL A 193 -13.26 0.15 -8.25
CA VAL A 193 -13.79 1.40 -8.79
C VAL A 193 -14.77 1.97 -7.79
N GLN A 194 -14.57 3.21 -7.38
CA GLN A 194 -15.33 3.76 -6.26
C GLN A 194 -16.84 3.67 -6.44
N ASP A 195 -17.35 3.98 -7.63
CA ASP A 195 -18.80 3.94 -7.81
C ASP A 195 -19.37 2.53 -7.67
N LYS A 196 -18.69 1.54 -8.23
CA LYS A 196 -19.15 0.17 -8.14
C LYS A 196 -19.06 -0.29 -6.69
N ALA A 197 -18.02 0.13 -5.98
CA ALA A 197 -17.86 -0.20 -4.57
C ALA A 197 -18.98 0.42 -3.73
N MSE A 198 -19.33 1.66 -4.05
CA MSE A 198 -20.39 2.33 -3.33
C MSE A 198 -21.74 1.60 -3.49
O MSE A 198 -22.42 1.32 -2.52
CB MSE A 198 -20.50 3.78 -3.78
CG MSE A 198 -21.63 4.52 -3.10
SE MSE A 198 -21.95 6.31 -3.77
CE MSE A 198 -22.47 5.85 -5.60
H MSE A 198 -18.98 2.12 -4.67
HA MSE A 198 -20.16 2.34 -2.38
HB2 MSE A 198 -19.68 4.24 -3.58
HB3 MSE A 198 -20.67 3.79 -4.74
HG2 MSE A 198 -22.45 4.01 -3.21
HG3 MSE A 198 -21.43 4.59 -2.15
HE1 MSE A 198 -22.67 6.67 -6.08
HE2 MSE A 198 -21.74 5.39 -6.03
HE3 MSE A 198 -23.26 5.28 -5.57
N THR A 199 -22.09 1.29 -4.74
N THR A 199 -22.11 1.25 -4.72
CA THR A 199 -23.33 0.57 -5.02
CA THR A 199 -23.40 0.60 -4.90
C THR A 199 -23.34 -0.77 -4.31
C THR A 199 -23.39 -0.83 -4.37
N ALA A 200 -22.23 -1.49 -4.42
CA ALA A 200 -22.10 -2.80 -3.79
C ALA A 200 -22.24 -2.70 -2.28
N ALA A 201 -21.58 -1.72 -1.69
CA ALA A 201 -21.63 -1.52 -0.24
C ALA A 201 -23.04 -1.11 0.20
N GLU A 202 -23.72 -0.30 -0.60
CA GLU A 202 -25.08 0.09 -0.25
C GLU A 202 -26.03 -1.11 -0.23
N ASN A 203 -25.91 -1.99 -1.23
N ASN A 203 -25.89 -1.99 -1.22
CA ASN A 203 -26.76 -3.19 -1.27
CA ASN A 203 -26.73 -3.17 -1.27
C ASN A 203 -26.38 -4.15 -0.14
C ASN A 203 -26.38 -4.17 -0.16
N LEU A 204 -25.10 -4.19 0.22
CA LEU A 204 -24.64 -4.96 1.37
C LEU A 204 -25.34 -4.47 2.65
N ILE A 205 -25.39 -3.16 2.84
CA ILE A 205 -26.03 -2.59 4.01
C ILE A 205 -27.55 -2.83 4.00
N THR A 206 -28.21 -2.53 2.89
CA THR A 206 -29.67 -2.66 2.87
C THR A 206 -30.09 -4.12 2.98
N GLY A 207 -29.26 -5.03 2.50
CA GLY A 207 -29.58 -6.45 2.56
C GLY A 207 -29.33 -7.10 3.91
N ASN A 208 -28.60 -6.41 4.78
CA ASN A 208 -28.16 -6.98 6.05
C ASN A 208 -28.37 -5.98 7.19
N PRO A 209 -29.61 -5.87 7.68
CA PRO A 209 -29.88 -4.91 8.76
C PRO A 209 -29.08 -5.14 10.03
N ASP A 210 -28.53 -6.34 10.20
CA ASP A 210 -27.74 -6.66 11.39
C ASP A 210 -26.26 -6.36 11.23
N LEU A 211 -25.85 -5.88 10.06
CA LEU A 211 -24.44 -5.61 9.81
C LEU A 211 -23.97 -4.48 10.70
N THR A 212 -22.80 -4.65 11.32
CA THR A 212 -22.24 -3.64 12.21
C THR A 212 -20.84 -3.16 11.80
N ALA A 213 -20.19 -3.83 10.85
CA ALA A 213 -18.83 -3.44 10.44
C ALA A 213 -18.63 -3.75 8.98
N ILE A 214 -17.74 -2.98 8.36
CA ILE A 214 -17.31 -3.23 6.98
C ILE A 214 -15.79 -3.16 6.91
N TYR A 215 -15.18 -4.10 6.21
CA TYR A 215 -13.76 -4.07 5.88
C TYR A 215 -13.63 -3.89 4.39
N ALA A 216 -12.81 -2.93 4.00
CA ALA A 216 -12.57 -2.58 2.59
C ALA A 216 -11.10 -2.77 2.25
N THR A 217 -10.83 -3.40 1.12
CA THR A 217 -9.45 -3.86 0.83
C THR A 217 -8.53 -2.86 0.16
N GLY A 218 -9.01 -1.69 -0.23
CA GLY A 218 -8.19 -0.71 -0.91
C GLY A 218 -8.93 0.61 -1.02
N GLU A 219 -8.27 1.64 -1.56
CA GLU A 219 -8.83 2.97 -1.52
C GLU A 219 -10.20 3.08 -2.16
N PRO A 220 -10.39 2.53 -3.37
CA PRO A 220 -11.73 2.68 -3.98
C PRO A 220 -12.83 1.99 -3.16
N ALA A 221 -12.56 0.80 -2.64
CA ALA A 221 -13.50 0.10 -1.79
C ALA A 221 -13.79 0.87 -0.53
N LEU A 222 -12.75 1.46 0.07
CA LEU A 222 -12.92 2.21 1.31
C LEU A 222 -13.74 3.47 1.09
N LEU A 223 -13.43 4.22 0.04
CA LEU A 223 -14.20 5.39 -0.32
C LEU A 223 -15.65 5.02 -0.65
N GLY A 224 -15.84 3.91 -1.35
CA GLY A 224 -17.19 3.46 -1.65
C GLY A 224 -17.96 3.06 -0.39
N ALA A 225 -17.30 2.37 0.53
CA ALA A 225 -17.95 1.97 1.77
C ALA A 225 -18.34 3.20 2.61
N ILE A 226 -17.44 4.17 2.69
CA ILE A 226 -17.69 5.39 3.43
C ILE A 226 -18.91 6.09 2.84
N ALA A 227 -18.95 6.19 1.51
CA ALA A 227 -20.03 6.90 0.84
C ALA A 227 -21.35 6.17 1.08
N ALA A 228 -21.32 4.83 1.07
CA ALA A 228 -22.52 4.04 1.31
C ALA A 228 -23.05 4.26 2.74
N VAL A 229 -22.17 4.23 3.73
CA VAL A 229 -22.57 4.44 5.12
C VAL A 229 -23.18 5.82 5.27
N GLU A 230 -22.57 6.82 4.64
CA GLU A 230 -23.10 8.20 4.67
C GLU A 230 -24.45 8.29 3.95
N ASN A 231 -24.57 7.69 2.77
CA ASN A 231 -25.80 7.74 2.01
C ASN A 231 -26.97 7.11 2.76
N GLN A 232 -26.68 6.04 3.50
CA GLN A 232 -27.70 5.32 4.26
C GLN A 232 -27.91 5.92 5.65
N GLY A 233 -27.16 6.96 5.99
CA GLY A 233 -27.29 7.60 7.28
C GLY A 233 -26.91 6.69 8.45
N ARG A 234 -25.90 5.87 8.25
CA ARG A 234 -25.53 4.86 9.24
C ARG A 234 -24.25 5.21 10.00
N GLN A 235 -23.93 6.50 10.08
CA GLN A 235 -22.71 6.93 10.75
C GLN A 235 -22.66 6.52 12.22
N LYS A 236 -23.82 6.33 12.85
CA LYS A 236 -23.81 5.95 14.26
C LYS A 236 -23.61 4.47 14.59
N ASP A 237 -23.82 3.56 13.64
CA ASP A 237 -23.83 2.14 14.00
C ASP A 237 -23.19 1.16 13.00
N ILE A 238 -22.45 1.67 12.00
CA ILE A 238 -21.61 0.81 11.18
C ILE A 238 -20.18 1.38 11.27
N LYS A 239 -19.24 0.53 11.65
CA LYS A 239 -17.83 0.90 11.77
C LYS A 239 -17.05 0.39 10.56
N VAL A 240 -16.27 1.26 9.94
CA VAL A 240 -15.57 0.95 8.71
C VAL A 240 -14.07 0.84 8.95
N PHE A 241 -13.48 -0.21 8.39
CA PHE A 241 -12.05 -0.52 8.49
C PHE A 241 -11.53 -0.69 7.08
N GLY A 242 -10.34 -0.22 6.74
CA GLY A 242 -9.86 -0.44 5.39
C GLY A 242 -8.43 -0.02 5.16
N TRP A 243 -8.09 0.12 3.90
CA TRP A 243 -6.73 0.45 3.46
C TRP A 243 -6.75 1.75 2.70
N ASP A 244 -5.73 2.58 2.97
CA ASP A 244 -5.32 3.76 2.19
C ASP A 244 -6.01 5.04 2.66
N LEU A 245 -5.26 5.90 3.35
CA LEU A 245 -5.84 7.15 3.81
C LEU A 245 -6.10 8.13 2.67
N THR A 246 -7.11 8.96 2.89
CA THR A 246 -7.47 10.08 2.07
C THR A 246 -8.04 11.12 3.02
N ALA A 247 -8.20 12.35 2.54
CA ALA A 247 -8.89 13.37 3.31
C ALA A 247 -10.27 12.88 3.73
N LYS A 248 -10.98 12.19 2.83
CA LYS A 248 -12.30 11.68 3.13
C LYS A 248 -12.27 10.65 4.27
N ALA A 249 -11.29 9.76 4.25
CA ALA A 249 -11.16 8.78 5.33
C ALA A 249 -10.85 9.48 6.66
N ILE A 250 -10.01 10.50 6.61
CA ILE A 250 -9.72 11.28 7.81
C ILE A 250 -11.00 11.93 8.37
N SER A 251 -11.83 12.49 7.49
N SER A 251 -11.84 12.48 7.49
CA SER A 251 -13.09 13.05 7.93
CA SER A 251 -13.11 13.05 7.92
C SER A 251 -13.95 11.98 8.60
C SER A 251 -13.97 11.97 8.59
N GLY A 252 -13.93 10.76 8.04
CA GLY A 252 -14.65 9.66 8.64
C GLY A 252 -14.10 9.24 10.00
N ILE A 253 -12.78 9.28 10.17
CA ILE A 253 -12.16 9.00 11.46
C ILE A 253 -12.63 10.04 12.47
N ASP A 254 -12.63 11.30 12.06
CA ASP A 254 -13.06 12.39 12.94
C ASP A 254 -14.54 12.28 13.27
N GLY A 255 -15.33 11.74 12.35
CA GLY A 255 -16.76 11.58 12.56
C GLY A 255 -17.15 10.31 13.29
N GLY A 256 -16.18 9.45 13.56
CA GLY A 256 -16.39 8.27 14.39
C GLY A 256 -16.76 6.99 13.69
N TYR A 257 -17.04 7.04 12.39
CA TYR A 257 -17.50 5.86 11.68
C TYR A 257 -16.45 5.15 10.84
N VAL A 258 -15.29 5.78 10.61
CA VAL A 258 -14.14 5.07 10.10
C VAL A 258 -13.28 4.85 11.31
N THR A 259 -13.06 3.60 11.69
CA THR A 259 -12.36 3.28 12.92
C THR A 259 -10.84 3.14 12.70
N ALA A 260 -10.44 2.49 11.62
CA ALA A 260 -9.02 2.22 11.40
C ALA A 260 -8.72 2.07 9.92
N VAL A 261 -7.60 2.63 9.52
CA VAL A 261 -7.14 2.59 8.13
C VAL A 261 -5.68 2.17 8.11
N LEU A 262 -5.38 1.13 7.33
CA LEU A 262 -4.01 0.68 7.18
C LEU A 262 -3.33 1.53 6.12
N GLN A 263 -2.19 2.10 6.49
CA GLN A 263 -1.43 3.03 5.65
C GLN A 263 -0.01 2.52 5.43
N GLN A 264 0.39 2.36 4.17
CA GLN A 264 1.75 1.97 3.83
C GLN A 264 2.74 3.08 4.15
N ASP A 265 4.02 2.71 4.16
CA ASP A 265 5.11 3.62 4.53
C ASP A 265 6.10 3.75 3.36
N PRO A 266 5.70 4.44 2.28
CA PRO A 266 6.59 4.58 1.12
C PRO A 266 7.85 5.38 1.46
N GLU A 267 7.79 6.30 2.40
CA GLU A 267 8.98 7.07 2.74
C GLU A 267 10.05 6.12 3.29
N LYS A 268 9.66 5.20 4.17
CA LYS A 268 10.60 4.23 4.69
C LYS A 268 11.05 3.27 3.60
N MSE A 269 10.19 2.92 2.65
CA MSE A 269 10.65 2.09 1.53
C MSE A 269 11.77 2.78 0.77
O MSE A 269 12.74 2.14 0.39
CB MSE A 269 9.51 1.81 0.56
CG MSE A 269 8.41 0.89 1.13
SE MSE A 269 7.01 0.56 -0.17
CE MSE A 269 5.51 0.64 1.02
H MSE A 269 9.35 3.13 2.63
HA MSE A 269 10.97 1.25 1.88
HB2 MSE A 269 9.09 2.64 0.30
HB3 MSE A 269 9.88 1.37 -0.23
HG2 MSE A 269 8.80 0.05 1.38
HG3 MSE A 269 8.01 1.33 1.91
HE1 MSE A 269 4.71 0.49 0.51
HE2 MSE A 269 5.61 -0.05 1.69
HE3 MSE A 269 5.48 1.51 1.44
N GLY A 270 11.60 4.06 0.47
CA GLY A 270 12.63 4.77 -0.27
C GLY A 270 13.93 4.85 0.50
N ALA A 271 13.84 5.06 1.81
CA ALA A 271 15.05 5.15 2.65
C ALA A 271 15.76 3.80 2.70
N GLU A 272 14.99 2.73 2.93
CA GLU A 272 15.57 1.40 3.02
C GLU A 272 16.25 1.03 1.71
N ALA A 273 15.64 1.40 0.58
CA ALA A 273 16.18 1.04 -0.72
C ALA A 273 17.52 1.76 -0.95
N LEU A 274 17.57 3.05 -0.65
CA LEU A 274 18.79 3.82 -0.83
C LEU A 274 19.89 3.30 0.10
N ASN A 275 19.56 3.06 1.37
CA ASN A 275 20.55 2.57 2.29
C ASN A 275 21.06 1.19 1.87
N ALA A 276 20.19 0.38 1.28
CA ALA A 276 20.62 -0.92 0.75
C ALA A 276 21.61 -0.76 -0.40
N LEU A 277 21.40 0.20 -1.29
CA LEU A 277 22.41 0.48 -2.31
C LEU A 277 23.74 0.87 -1.68
N ASN A 278 23.74 1.64 -0.61
CA ASN A 278 24.98 1.98 0.06
C ASN A 278 25.66 0.71 0.58
N SER A 279 24.90 -0.19 1.18
CA SER A 279 25.47 -1.44 1.67
C SER A 279 26.09 -2.22 0.53
N ILE A 280 25.35 -2.39 -0.56
CA ILE A 280 25.83 -3.19 -1.68
C ILE A 280 27.10 -2.59 -2.25
N THR A 281 27.12 -1.29 -2.50
CA THR A 281 28.29 -0.68 -3.10
C THR A 281 29.48 -0.61 -2.13
N SER A 282 29.22 -0.83 -0.84
N SER A 282 29.23 -0.81 -0.84
CA SER A 282 30.25 -0.91 0.18
CA SER A 282 30.31 -0.88 0.13
C SER A 282 30.78 -2.34 0.35
C SER A 282 30.91 -2.28 0.20
N GLY A 283 30.28 -3.24 -0.49
CA GLY A 283 30.74 -4.62 -0.48
C GLY A 283 30.07 -5.50 0.55
N LYS A 284 28.90 -5.10 1.03
CA LYS A 284 28.25 -5.80 2.12
C LYS A 284 26.93 -6.40 1.68
N THR A 285 26.50 -7.41 2.40
CA THR A 285 25.29 -8.15 2.08
C THR A 285 24.04 -7.32 2.37
N VAL A 286 22.98 -7.57 1.60
CA VAL A 286 21.64 -7.09 1.91
C VAL A 286 20.65 -8.23 1.66
N PRO A 287 19.53 -8.26 2.39
CA PRO A 287 18.53 -9.31 2.15
C PRO A 287 17.90 -9.16 0.77
N LYS A 288 17.46 -10.26 0.18
CA LYS A 288 16.83 -10.23 -1.11
C LYS A 288 15.47 -9.56 -1.06
N THR A 289 14.82 -9.60 0.11
CA THR A 289 13.50 -9.00 0.29
C THR A 289 13.53 -8.14 1.54
N ILE A 290 13.05 -6.92 1.43
CA ILE A 290 12.94 -6.01 2.55
C ILE A 290 11.48 -5.60 2.65
N LEU A 291 10.81 -6.09 3.67
CA LEU A 291 9.40 -5.81 3.90
C LEU A 291 9.29 -4.66 4.89
N VAL A 292 8.56 -3.65 4.52
CA VAL A 292 8.37 -2.46 5.34
C VAL A 292 6.99 -2.52 5.98
N PRO A 293 6.93 -2.51 7.33
CA PRO A 293 5.62 -2.58 7.97
C PRO A 293 4.70 -1.40 7.62
N ALA A 294 3.40 -1.67 7.65
CA ALA A 294 2.41 -0.63 7.54
C ALA A 294 1.95 -0.16 8.92
N THR A 295 1.16 0.90 8.95
CA THR A 295 0.67 1.50 10.18
C THR A 295 -0.85 1.49 10.20
N VAL A 296 -1.43 1.01 11.29
CA VAL A 296 -2.85 1.14 11.51
C VAL A 296 -3.13 2.54 12.06
N VAL A 297 -3.91 3.32 11.31
CA VAL A 297 -4.22 4.70 11.67
C VAL A 297 -5.65 4.77 12.24
N THR A 298 -5.74 5.32 13.44
CA THR A 298 -6.99 5.49 14.16
C THR A 298 -7.09 6.95 14.65
N LYS A 299 -8.14 7.28 15.40
CA LYS A 299 -8.21 8.59 16.03
C LYS A 299 -6.97 8.93 16.84
N ALA A 300 -6.31 7.92 17.40
CA ALA A 300 -5.17 8.16 18.29
C ALA A 300 -3.95 8.70 17.60
N ASN A 301 -3.74 8.32 16.34
CA ASN A 301 -2.51 8.69 15.64
C ASN A 301 -2.74 9.37 14.30
N VAL A 302 -3.98 9.71 13.99
CA VAL A 302 -4.27 10.32 12.70
C VAL A 302 -3.67 11.75 12.60
N ASP A 303 -3.51 12.42 13.74
CA ASP A 303 -2.95 13.79 13.72
C ASP A 303 -1.62 13.88 12.97
N SER A 304 -0.76 12.87 13.10
CA SER A 304 0.53 12.94 12.44
C SER A 304 0.41 12.89 10.92
N TYR A 305 -0.73 12.42 10.41
CA TYR A 305 -0.95 12.32 8.95
C TYR A 305 -1.66 13.53 8.37
N ARG A 306 -2.24 14.36 9.23
CA ARG A 306 -3.05 15.45 8.74
C ARG A 306 -2.32 16.37 7.74
N PRO A 307 -1.04 16.71 7.99
CA PRO A 307 -0.37 17.65 7.08
C PRO A 307 -0.20 17.12 5.66
N LEU A 308 -0.31 15.81 5.48
CA LEU A 308 -0.10 15.21 4.17
C LEU A 308 -1.34 15.30 3.28
N PHE A 309 -2.47 15.68 3.85
CA PHE A 309 -3.75 15.66 3.13
C PHE A 309 -4.46 17.00 3.16
MG MG B . -5.96 -4.00 21.36
#